data_5KGE
#
_entry.id   5KGE
#
_cell.length_a   96.860
_cell.length_b   96.860
_cell.length_c   80.783
_cell.angle_alpha   90.00
_cell.angle_beta   90.00
_cell.angle_gamma   120.00
#
_symmetry.space_group_name_H-M   'P 65'
#
loop_
_entity.id
_entity.type
_entity.pdbx_description
1 polymer 'Serine/threonine-protein kinase pim-1'
2 non-polymer 1,2-ETHANEDIOL
3 non-polymer 5-(3,4-dichlorophenyl)-1~{H}-pyrazol-3-amine
4 non-polymer 'SULFATE ION'
5 water water
#
_entity_poly.entity_id   1
_entity_poly.type   'polypeptide(L)'
_entity_poly.pdbx_seq_one_letter_code
;EKEPLESQYQVGPLLGSGGFGSVYSGIRVSDNLPVAIKHVEKDRISDWGELPNGTRVPMEVVLLKKVSSGFSGVIRLLDW
FERPDSFVLILERPEPVQDLFDFITERGALQEELARSFFWQVLEAVRHCHNCGVLHRDIKDENILIDLNRGELKLIDFGS
GALLKDTVYTDFDGTRVYSPPEWIRYHRYHGRSAAVWSLGILLYDMVCGDIPFEHDEEIIRGQVFFRQRVSSECQHLIRW
CLALRPSDRPTFEEIQNHPWMQDVLLPQETAEIHLH
;
_entity_poly.pdbx_strand_id   A
#
loop_
_chem_comp.id
_chem_comp.type
_chem_comp.name
_chem_comp.formula
6SN non-polymer 5-(3,4-dichlorophenyl)-1~{H}-pyrazol-3-amine 'C9 H7 Cl2 N3'
EDO non-polymer 1,2-ETHANEDIOL 'C2 H6 O2'
SO4 non-polymer 'SULFATE ION' 'O4 S -2'
#
# COMPACT_ATOMS: atom_id res chain seq x y z
N PRO A 4 -2.25 -31.77 -3.15
CA PRO A 4 -1.42 -30.71 -2.55
C PRO A 4 -1.35 -29.46 -3.41
N LEU A 5 -0.72 -28.41 -2.85
CA LEU A 5 -0.50 -27.10 -3.47
C LEU A 5 0.01 -27.18 -4.92
N GLU A 6 1.03 -28.00 -5.17
CA GLU A 6 1.66 -28.19 -6.49
C GLU A 6 0.67 -28.66 -7.57
N SER A 7 -0.35 -29.48 -7.20
CA SER A 7 -1.38 -29.95 -8.12
C SER A 7 -2.56 -28.97 -8.24
N GLN A 8 -2.84 -28.22 -7.17
CA GLN A 8 -3.94 -27.24 -7.07
C GLN A 8 -3.71 -25.98 -7.92
N TYR A 9 -2.43 -25.68 -8.22
CA TYR A 9 -2.04 -24.48 -8.96
C TYR A 9 -1.07 -24.75 -10.09
N GLN A 10 -1.25 -24.03 -11.19
CA GLN A 10 -0.40 -24.09 -12.37
C GLN A 10 0.51 -22.87 -12.31
N VAL A 11 1.82 -23.08 -12.13
CA VAL A 11 2.78 -21.98 -11.99
C VAL A 11 3.12 -21.35 -13.35
N GLY A 12 2.98 -20.03 -13.41
CA GLY A 12 3.32 -19.24 -14.58
C GLY A 12 4.64 -18.53 -14.35
N PRO A 13 4.92 -17.43 -15.09
CA PRO A 13 6.20 -16.74 -14.91
C PRO A 13 6.31 -15.93 -13.62
N LEU A 14 7.56 -15.62 -13.24
CA LEU A 14 7.89 -14.79 -12.08
C LEU A 14 7.44 -13.36 -12.40
N LEU A 15 6.62 -12.77 -11.51
CA LEU A 15 6.12 -11.40 -11.67
C LEU A 15 7.08 -10.40 -11.06
N GLY A 16 7.72 -10.80 -9.96
CA GLY A 16 8.67 -9.95 -9.25
C GLY A 16 9.23 -10.61 -8.02
N SER A 17 10.32 -10.01 -7.52
CA SER A 17 11.05 -10.44 -6.34
C SER A 17 11.76 -9.23 -5.71
N GLY A 18 12.01 -9.29 -4.41
CA GLY A 18 12.69 -8.23 -3.67
C GLY A 18 12.68 -8.48 -2.18
N GLY A 19 12.67 -7.41 -1.39
CA GLY A 19 12.64 -7.49 0.07
C GLY A 19 11.52 -8.38 0.61
N PHE A 20 10.41 -8.44 -0.14
CA PHE A 20 9.19 -9.20 0.13
C PHE A 20 9.24 -10.72 -0.14
N GLY A 21 10.15 -11.16 -1.02
CA GLY A 21 10.24 -12.56 -1.42
C GLY A 21 10.09 -12.70 -2.93
N SER A 22 9.48 -13.80 -3.41
CA SER A 22 9.28 -14.08 -4.85
C SER A 22 7.83 -14.35 -5.17
N VAL A 23 7.28 -13.62 -6.17
CA VAL A 23 5.87 -13.70 -6.58
C VAL A 23 5.77 -14.21 -8.01
N TYR A 24 4.97 -15.27 -8.22
CA TYR A 24 4.75 -15.87 -9.52
C TYR A 24 3.31 -15.69 -9.95
N SER A 25 3.10 -15.58 -11.27
CA SER A 25 1.78 -15.54 -11.86
C SER A 25 1.33 -16.99 -11.82
N GLY A 26 0.05 -17.20 -11.63
CA GLY A 26 -0.49 -18.54 -11.54
C GLY A 26 -1.95 -18.61 -11.89
N ILE A 27 -2.46 -19.82 -11.98
CA ILE A 27 -3.85 -20.12 -12.30
C ILE A 27 -4.29 -21.24 -11.37
N ARG A 28 -5.44 -21.04 -10.70
CA ARG A 28 -6.02 -22.07 -9.83
C ARG A 28 -6.62 -23.11 -10.78
N VAL A 29 -6.16 -24.38 -10.71
CA VAL A 29 -6.55 -25.42 -11.68
C VAL A 29 -8.07 -25.74 -11.70
N SER A 30 -8.77 -25.61 -10.56
CA SER A 30 -10.19 -25.95 -10.44
C SER A 30 -11.14 -25.08 -11.29
N ASP A 31 -10.95 -23.75 -11.28
CA ASP A 31 -11.82 -22.82 -12.02
C ASP A 31 -11.06 -21.81 -12.91
N ASN A 32 -9.78 -22.09 -13.22
CA ASN A 32 -8.89 -21.26 -14.05
C ASN A 32 -8.67 -19.83 -13.51
N LEU A 33 -9.10 -19.54 -12.25
CA LEU A 33 -8.96 -18.24 -11.60
C LEU A 33 -7.52 -17.71 -11.60
N PRO A 34 -7.28 -16.45 -12.05
CA PRO A 34 -5.92 -15.90 -12.01
C PRO A 34 -5.50 -15.67 -10.56
N VAL A 35 -4.30 -16.14 -10.20
CA VAL A 35 -3.75 -16.01 -8.84
C VAL A 35 -2.29 -15.54 -8.89
N ALA A 36 -1.77 -15.05 -7.76
CA ALA A 36 -0.35 -14.73 -7.61
C ALA A 36 0.12 -15.65 -6.48
N ILE A 37 1.26 -16.30 -6.69
CA ILE A 37 1.83 -17.24 -5.73
C ILE A 37 3.09 -16.62 -5.14
N LYS A 38 3.02 -16.23 -3.86
CA LYS A 38 4.12 -15.57 -3.18
C LYS A 38 4.82 -16.54 -2.22
N HIS A 39 6.15 -16.62 -2.35
CA HIS A 39 7.02 -17.46 -1.53
C HIS A 39 7.85 -16.58 -0.64
N VAL A 40 7.86 -16.90 0.65
CA VAL A 40 8.63 -16.17 1.64
C VAL A 40 9.46 -17.19 2.43
N GLU A 41 10.80 -17.05 2.42
CA GLU A 41 11.69 -17.95 3.16
C GLU A 41 11.49 -17.72 4.67
N LYS A 42 11.42 -18.81 5.45
CA LYS A 42 11.23 -18.76 6.92
C LYS A 42 12.34 -17.99 7.65
N ASP A 43 13.61 -18.14 7.23
CA ASP A 43 14.78 -17.45 7.78
C ASP A 43 14.74 -15.92 7.60
N ARG A 44 13.88 -15.43 6.69
CA ARG A 44 13.72 -14.00 6.40
C ARG A 44 12.53 -13.35 7.13
N ILE A 45 11.73 -14.17 7.83
CA ILE A 45 10.55 -13.71 8.59
C ILE A 45 10.96 -13.39 10.03
N SER A 46 10.92 -12.09 10.39
CA SER A 46 11.25 -11.57 11.72
C SER A 46 10.00 -11.45 12.59
N ASP A 47 8.89 -10.96 12.00
CA ASP A 47 7.62 -10.78 12.69
C ASP A 47 6.71 -11.98 12.49
N TRP A 48 6.41 -12.67 13.59
CA TRP A 48 5.55 -13.83 13.60
C TRP A 48 4.32 -13.51 14.44
N GLY A 49 3.21 -14.16 14.12
CA GLY A 49 1.95 -14.00 14.82
C GLY A 49 1.14 -15.27 14.83
N GLU A 50 -0.11 -15.20 15.34
CA GLU A 50 -0.98 -16.36 15.36
C GLU A 50 -2.41 -16.04 14.96
N LEU A 51 -3.00 -16.97 14.20
CA LEU A 51 -4.37 -16.93 13.66
C LEU A 51 -5.39 -17.07 14.80
N PRO A 52 -6.72 -16.83 14.57
CA PRO A 52 -7.70 -17.03 15.67
C PRO A 52 -7.58 -18.37 16.42
N ASN A 53 -7.14 -19.45 15.72
CA ASN A 53 -6.93 -20.79 16.30
C ASN A 53 -5.64 -20.89 17.15
N GLY A 54 -4.55 -20.26 16.69
CA GLY A 54 -3.29 -20.28 17.42
C GLY A 54 -2.07 -20.86 16.72
N THR A 55 -2.14 -21.10 15.39
CA THR A 55 -1.03 -21.63 14.59
C THR A 55 0.05 -20.54 14.40
N ARG A 56 1.35 -20.91 14.48
CA ARG A 56 2.46 -19.98 14.27
C ARG A 56 2.64 -19.74 12.77
N VAL A 57 2.34 -18.52 12.31
CA VAL A 57 2.44 -18.12 10.91
C VAL A 57 3.15 -16.75 10.79
N PRO A 58 3.68 -16.35 9.61
CA PRO A 58 4.23 -14.99 9.50
C PRO A 58 3.14 -13.96 9.75
N MET A 59 3.51 -12.80 10.34
CA MET A 59 2.60 -11.69 10.63
C MET A 59 1.79 -11.31 9.36
N GLU A 60 2.45 -11.36 8.20
CA GLU A 60 1.84 -11.10 6.91
C GLU A 60 0.56 -11.92 6.68
N VAL A 61 0.59 -13.22 7.03
CA VAL A 61 -0.58 -14.10 6.92
C VAL A 61 -1.68 -13.64 7.88
N VAL A 62 -1.31 -13.25 9.12
CA VAL A 62 -2.26 -12.78 10.15
C VAL A 62 -3.00 -11.54 9.63
N LEU A 63 -2.23 -10.56 9.15
CA LEU A 63 -2.74 -9.29 8.66
C LEU A 63 -3.61 -9.46 7.42
N LEU A 64 -3.18 -10.30 6.47
CA LEU A 64 -3.96 -10.56 5.26
C LEU A 64 -5.30 -11.19 5.60
N LYS A 65 -5.36 -12.14 6.55
CA LYS A 65 -6.63 -12.77 6.96
C LYS A 65 -7.57 -11.77 7.61
N LYS A 66 -7.01 -10.84 8.41
CA LYS A 66 -7.80 -9.81 9.08
C LYS A 66 -8.42 -8.84 8.07
N VAL A 67 -7.74 -8.57 6.95
CA VAL A 67 -8.25 -7.64 5.93
C VAL A 67 -8.93 -8.32 4.74
N SER A 68 -8.74 -9.62 4.54
CA SER A 68 -9.26 -10.30 3.35
C SER A 68 -10.72 -10.76 3.45
N SER A 69 -11.67 -9.84 3.12
CA SER A 69 -13.13 -10.03 3.12
C SER A 69 -13.86 -8.88 2.40
N GLY A 70 -14.77 -9.24 1.51
CA GLY A 70 -15.65 -8.38 0.73
C GLY A 70 -15.04 -7.27 -0.10
N PHE A 71 -14.62 -6.19 0.57
CA PHE A 71 -14.04 -5.00 -0.04
C PHE A 71 -12.82 -5.30 -0.93
N SER A 72 -12.86 -4.83 -2.19
CA SER A 72 -11.83 -5.08 -3.19
C SER A 72 -10.59 -4.12 -3.16
N GLY A 73 -10.50 -3.22 -2.18
CA GLY A 73 -9.38 -2.27 -2.08
C GLY A 73 -8.06 -2.83 -1.57
N VAL A 74 -8.09 -4.06 -1.03
CA VAL A 74 -6.88 -4.75 -0.56
C VAL A 74 -6.77 -6.07 -1.32
N ILE A 75 -5.56 -6.49 -1.77
CA ILE A 75 -5.40 -7.80 -2.43
C ILE A 75 -5.78 -8.89 -1.43
N ARG A 76 -6.67 -9.81 -1.84
CA ARG A 76 -7.16 -10.89 -0.98
C ARG A 76 -6.28 -12.13 -0.94
N LEU A 77 -6.05 -12.65 0.28
CA LEU A 77 -5.34 -13.89 0.51
C LEU A 77 -6.36 -15.01 0.31
N LEU A 78 -6.16 -15.85 -0.69
CA LEU A 78 -7.08 -16.95 -1.00
C LEU A 78 -6.77 -18.21 -0.21
N ASP A 79 -5.48 -18.46 0.08
CA ASP A 79 -5.01 -19.62 0.82
C ASP A 79 -3.53 -19.44 1.16
N TRP A 80 -3.01 -20.32 2.02
CA TRP A 80 -1.61 -20.30 2.40
C TRP A 80 -1.18 -21.71 2.74
N PHE A 81 0.12 -21.99 2.56
CA PHE A 81 0.72 -23.29 2.81
C PHE A 81 2.05 -23.11 3.48
N GLU A 82 2.38 -24.05 4.37
CA GLU A 82 3.66 -24.08 5.05
C GLU A 82 4.48 -25.21 4.44
N ARG A 83 5.72 -24.89 4.04
CA ARG A 83 6.69 -25.82 3.48
C ARG A 83 7.81 -25.96 4.52
N PRO A 84 8.80 -26.89 4.41
CA PRO A 84 9.84 -26.97 5.45
C PRO A 84 10.62 -25.67 5.68
N ASP A 85 10.97 -24.94 4.62
CA ASP A 85 11.79 -23.73 4.76
C ASP A 85 11.10 -22.44 4.30
N SER A 86 9.82 -22.51 3.95
CA SER A 86 9.11 -21.33 3.46
C SER A 86 7.61 -21.38 3.71
N PHE A 87 6.95 -20.24 3.52
CA PHE A 87 5.50 -20.12 3.52
C PHE A 87 5.12 -19.72 2.10
N VAL A 88 4.02 -20.27 1.61
CA VAL A 88 3.49 -19.99 0.27
C VAL A 88 2.10 -19.37 0.44
N LEU A 89 1.89 -18.19 -0.16
CA LEU A 89 0.66 -17.41 -0.09
C LEU A 89 -0.01 -17.37 -1.48
N ILE A 90 -1.30 -17.69 -1.54
CA ILE A 90 -2.06 -17.64 -2.80
C ILE A 90 -2.88 -16.38 -2.73
N LEU A 91 -2.62 -15.46 -3.64
CA LEU A 91 -3.28 -14.17 -3.64
C LEU A 91 -4.09 -13.97 -4.87
N GLU A 92 -5.13 -13.13 -4.80
CA GLU A 92 -5.90 -12.86 -6.00
C GLU A 92 -5.01 -12.04 -6.97
N ARG A 93 -5.25 -12.19 -8.25
CA ARG A 93 -4.46 -11.48 -9.24
C ARG A 93 -5.35 -10.81 -10.28
N PRO A 94 -5.43 -9.44 -10.27
CA PRO A 94 -6.18 -8.73 -11.31
C PRO A 94 -5.44 -8.86 -12.63
N GLU A 95 -6.19 -8.82 -13.74
CA GLU A 95 -5.62 -8.98 -15.08
C GLU A 95 -6.49 -8.22 -16.10
N PRO A 96 -5.97 -7.20 -16.82
CA PRO A 96 -4.59 -6.66 -16.77
C PRO A 96 -4.33 -5.82 -15.53
N VAL A 97 -3.08 -5.80 -15.10
CA VAL A 97 -2.64 -5.09 -13.90
C VAL A 97 -1.33 -4.35 -14.16
N GLN A 98 -1.09 -3.28 -13.40
CA GLN A 98 0.15 -2.50 -13.41
C GLN A 98 0.27 -1.84 -12.06
N ASP A 99 1.46 -1.91 -11.45
CA ASP A 99 1.63 -1.24 -10.17
C ASP A 99 1.74 0.27 -10.41
N LEU A 100 1.43 1.06 -9.38
CA LEU A 100 1.44 2.53 -9.48
C LEU A 100 2.84 3.11 -9.76
N PHE A 101 3.90 2.46 -9.29
CA PHE A 101 5.27 2.90 -9.56
C PHE A 101 5.54 2.85 -11.07
N ASP A 102 5.21 1.71 -11.71
CA ASP A 102 5.38 1.51 -13.14
C ASP A 102 4.52 2.43 -13.94
N PHE A 103 3.29 2.64 -13.46
CA PHE A 103 2.32 3.54 -14.08
C PHE A 103 2.85 4.98 -14.14
N ILE A 104 3.34 5.50 -12.99
CA ILE A 104 3.89 6.86 -12.90
C ILE A 104 5.20 6.96 -13.72
N THR A 105 6.05 5.92 -13.67
CA THR A 105 7.30 5.90 -14.43
C THR A 105 7.02 6.08 -15.93
N GLU A 106 6.04 5.34 -16.45
CA GLU A 106 5.67 5.38 -17.87
C GLU A 106 4.92 6.62 -18.30
N ARG A 107 3.97 7.08 -17.47
CA ARG A 107 3.09 8.18 -17.83
C ARG A 107 3.45 9.56 -17.27
N GLY A 108 4.38 9.60 -16.32
CA GLY A 108 4.80 10.85 -15.68
C GLY A 108 3.80 11.29 -14.63
N ALA A 109 3.90 12.58 -14.20
CA ALA A 109 2.99 13.17 -13.21
C ALA A 109 1.53 12.99 -13.64
N LEU A 110 0.66 12.58 -12.70
CA LEU A 110 -0.75 12.33 -13.01
C LEU A 110 -1.57 13.59 -13.01
N GLN A 111 -2.58 13.65 -13.90
CA GLN A 111 -3.56 14.74 -13.92
C GLN A 111 -4.25 14.67 -12.56
N GLU A 112 -4.59 15.84 -12.00
CA GLU A 112 -5.18 15.90 -10.68
C GLU A 112 -6.47 15.12 -10.52
N GLU A 113 -7.30 15.06 -11.57
CA GLU A 113 -8.54 14.28 -11.54
C GLU A 113 -8.23 12.79 -11.32
N LEU A 114 -7.17 12.29 -11.98
CA LEU A 114 -6.72 10.91 -11.86
C LEU A 114 -6.08 10.66 -10.49
N ALA A 115 -5.21 11.58 -10.03
CA ALA A 115 -4.58 11.47 -8.70
C ALA A 115 -5.65 11.51 -7.62
N ARG A 116 -6.70 12.33 -7.77
CA ARG A 116 -7.81 12.41 -6.80
C ARG A 116 -8.51 11.06 -6.69
N SER A 117 -8.84 10.44 -7.83
CA SER A 117 -9.51 9.13 -7.84
C SER A 117 -8.64 8.08 -7.19
N PHE A 118 -7.36 8.05 -7.57
CA PHE A 118 -6.40 7.09 -7.03
C PHE A 118 -6.16 7.27 -5.54
N PHE A 119 -5.92 8.52 -5.11
CA PHE A 119 -5.65 8.85 -3.72
C PHE A 119 -6.86 8.52 -2.83
N TRP A 120 -8.08 8.85 -3.30
CA TRP A 120 -9.33 8.53 -2.60
C TRP A 120 -9.44 7.02 -2.34
N GLN A 121 -9.16 6.21 -3.37
CA GLN A 121 -9.21 4.75 -3.27
C GLN A 121 -8.17 4.22 -2.30
N VAL A 122 -6.97 4.82 -2.27
CA VAL A 122 -5.93 4.40 -1.33
C VAL A 122 -6.43 4.72 0.09
N LEU A 123 -7.01 5.91 0.28
CA LEU A 123 -7.57 6.31 1.57
C LEU A 123 -8.64 5.33 2.05
N GLU A 124 -9.57 4.92 1.17
CA GLU A 124 -10.61 3.95 1.51
C GLU A 124 -9.98 2.60 1.88
N ALA A 125 -8.94 2.16 1.14
CA ALA A 125 -8.24 0.91 1.42
C ALA A 125 -7.51 0.95 2.79
N VAL A 126 -6.84 2.06 3.11
CA VAL A 126 -6.13 2.25 4.37
C VAL A 126 -7.12 2.29 5.53
N ARG A 127 -8.27 2.97 5.35
CA ARG A 127 -9.32 3.01 6.36
C ARG A 127 -9.83 1.59 6.62
N HIS A 128 -9.99 0.76 5.56
CA HIS A 128 -10.42 -0.63 5.71
C HIS A 128 -9.42 -1.39 6.55
N CYS A 129 -8.12 -1.25 6.25
CA CYS A 129 -7.06 -1.91 7.02
C CYS A 129 -7.17 -1.55 8.48
N HIS A 130 -7.21 -0.23 8.80
CA HIS A 130 -7.32 0.26 10.18
C HIS A 130 -8.57 -0.24 10.89
N ASN A 131 -9.73 -0.32 10.17
CA ASN A 131 -10.99 -0.84 10.74
C ASN A 131 -10.86 -2.33 11.06
N CYS A 132 -9.99 -3.03 10.34
CA CYS A 132 -9.71 -4.44 10.55
C CYS A 132 -8.58 -4.66 11.59
N GLY A 133 -8.08 -3.59 12.20
CA GLY A 133 -7.01 -3.65 13.20
C GLY A 133 -5.63 -3.90 12.60
N VAL A 134 -5.44 -3.48 11.34
CA VAL A 134 -4.17 -3.68 10.61
C VAL A 134 -3.52 -2.36 10.22
N LEU A 135 -2.22 -2.25 10.49
CA LEU A 135 -1.43 -1.09 10.07
C LEU A 135 -0.48 -1.58 8.97
N HIS A 136 -0.59 -1.01 7.75
CA HIS A 136 0.22 -1.46 6.62
C HIS A 136 1.75 -1.15 6.77
N ARG A 137 2.10 0.11 7.13
CA ARG A 137 3.49 0.58 7.36
C ARG A 137 4.38 0.67 6.09
N ASP A 138 3.85 0.39 4.91
CA ASP A 138 4.67 0.52 3.71
C ASP A 138 3.84 1.01 2.53
N ILE A 139 2.98 2.01 2.80
CA ILE A 139 2.14 2.60 1.77
C ILE A 139 3.07 3.35 0.82
N LYS A 140 3.08 2.98 -0.45
CA LYS A 140 3.91 3.60 -1.49
C LYS A 140 3.44 3.13 -2.85
N ASP A 141 3.86 3.81 -3.92
CA ASP A 141 3.47 3.48 -5.27
C ASP A 141 3.72 2.01 -5.67
N GLU A 142 4.87 1.43 -5.28
CA GLU A 142 5.22 0.03 -5.57
C GLU A 142 4.25 -0.97 -4.95
N ASN A 143 3.57 -0.59 -3.84
CA ASN A 143 2.64 -1.46 -3.12
C ASN A 143 1.17 -1.20 -3.44
N ILE A 144 0.92 -0.61 -4.60
CA ILE A 144 -0.43 -0.33 -5.05
C ILE A 144 -0.58 -0.90 -6.45
N LEU A 145 -1.56 -1.78 -6.66
CA LEU A 145 -1.84 -2.35 -7.98
C LEU A 145 -3.03 -1.66 -8.58
N ILE A 146 -2.97 -1.40 -9.89
CA ILE A 146 -4.10 -0.81 -10.61
C ILE A 146 -4.77 -1.90 -11.45
N ASP A 147 -6.05 -2.16 -11.20
CA ASP A 147 -6.86 -3.07 -12.02
C ASP A 147 -7.27 -2.14 -13.17
N LEU A 148 -6.53 -2.22 -14.28
CA LEU A 148 -6.67 -1.35 -15.45
C LEU A 148 -8.06 -1.37 -16.12
N ASN A 149 -8.78 -2.49 -16.08
CA ASN A 149 -10.12 -2.57 -16.68
C ASN A 149 -11.18 -1.90 -15.81
N ARG A 150 -11.10 -2.09 -14.49
CA ARG A 150 -12.09 -1.56 -13.54
C ARG A 150 -11.72 -0.19 -12.95
N GLY A 151 -10.46 0.22 -13.08
CA GLY A 151 -9.97 1.48 -12.51
C GLY A 151 -9.87 1.43 -11.00
N GLU A 152 -9.79 0.20 -10.45
CA GLU A 152 -9.73 -0.08 -9.03
C GLU A 152 -8.31 -0.31 -8.56
N LEU A 153 -7.94 0.30 -7.44
CA LEU A 153 -6.63 0.16 -6.84
C LEU A 153 -6.66 -0.86 -5.72
N LYS A 154 -5.56 -1.59 -5.54
CA LYS A 154 -5.46 -2.62 -4.52
C LYS A 154 -4.15 -2.50 -3.77
N LEU A 155 -4.20 -2.47 -2.43
CA LEU A 155 -3.00 -2.45 -1.60
C LEU A 155 -2.42 -3.86 -1.54
N ILE A 156 -1.10 -3.96 -1.69
CA ILE A 156 -0.37 -5.23 -1.61
C ILE A 156 0.76 -5.07 -0.61
N ASP A 157 1.40 -6.20 -0.31
CA ASP A 157 2.57 -6.34 0.53
C ASP A 157 2.37 -5.85 1.96
N PHE A 158 1.80 -6.73 2.77
CA PHE A 158 1.60 -6.53 4.18
C PHE A 158 2.79 -7.12 4.98
N GLY A 159 3.91 -7.37 4.30
CA GLY A 159 5.13 -7.94 4.86
C GLY A 159 5.87 -7.08 5.88
N SER A 160 5.57 -5.77 5.96
CA SER A 160 6.21 -4.86 6.93
C SER A 160 5.16 -4.34 7.94
N GLY A 161 3.95 -4.87 7.83
CA GLY A 161 2.83 -4.42 8.63
C GLY A 161 2.82 -4.85 10.08
N ALA A 162 1.81 -4.39 10.83
CA ALA A 162 1.68 -4.74 12.24
C ALA A 162 0.23 -4.67 12.62
N LEU A 163 -0.11 -5.22 13.79
CA LEU A 163 -1.44 -5.06 14.33
C LEU A 163 -1.53 -3.58 14.72
N LEU A 164 -2.66 -2.93 14.46
CA LEU A 164 -2.85 -1.53 14.79
C LEU A 164 -3.02 -1.40 16.32
N LYS A 165 -2.34 -0.41 16.92
CA LYS A 165 -2.39 -0.12 18.36
C LYS A 165 -2.35 1.38 18.56
N ASP A 166 -2.70 1.84 19.76
CA ASP A 166 -2.76 3.25 20.12
C ASP A 166 -1.49 3.75 20.80
N THR A 167 -0.58 2.82 21.09
CA THR A 167 0.68 3.12 21.75
C THR A 167 1.77 3.31 20.70
N VAL A 168 2.94 3.77 21.14
CA VAL A 168 4.07 4.06 20.26
C VAL A 168 4.69 2.79 19.63
N TYR A 169 5.14 2.91 18.38
CA TYR A 169 5.88 1.87 17.66
C TYR A 169 7.35 2.31 17.73
N THR A 170 8.26 1.36 18.02
CA THR A 170 9.69 1.63 18.15
C THR A 170 10.50 0.82 17.14
N ASP A 171 9.79 0.09 16.27
CA ASP A 171 10.33 -0.74 15.20
C ASP A 171 9.74 -0.24 13.88
N PHE A 172 10.52 -0.33 12.81
CA PHE A 172 10.08 0.06 11.47
C PHE A 172 10.95 -0.61 10.42
N ASP A 173 10.33 -1.29 9.46
CA ASP A 173 11.07 -1.91 8.37
C ASP A 173 10.40 -1.67 7.02
N GLY A 174 9.74 -0.51 6.90
CA GLY A 174 9.11 -0.07 5.67
C GLY A 174 10.13 0.71 4.85
N THR A 175 9.65 1.59 3.94
CA THR A 175 10.52 2.39 3.08
C THR A 175 10.89 3.70 3.78
N ARG A 176 12.21 3.94 3.98
CA ARG A 176 12.75 5.11 4.68
C ARG A 176 12.28 6.46 4.12
N VAL A 177 12.27 6.60 2.77
CA VAL A 177 11.87 7.84 2.08
C VAL A 177 10.38 8.16 2.27
N TYR A 178 9.59 7.20 2.79
CA TYR A 178 8.15 7.38 3.07
C TYR A 178 7.96 7.46 4.58
N SER A 179 9.04 7.30 5.38
CA SER A 179 8.96 7.32 6.84
C SER A 179 8.93 8.74 7.42
N PRO A 180 8.21 8.94 8.55
CA PRO A 180 8.04 10.29 9.09
C PRO A 180 9.24 10.84 9.85
N PRO A 181 9.29 12.19 10.04
CA PRO A 181 10.42 12.80 10.75
C PRO A 181 10.60 12.30 12.18
N GLU A 182 9.50 11.94 12.88
CA GLU A 182 9.57 11.41 14.25
C GLU A 182 10.30 10.06 14.28
N TRP A 183 10.19 9.26 13.20
CA TRP A 183 10.90 7.98 13.12
C TRP A 183 12.38 8.28 12.88
N ILE A 184 12.70 9.13 11.88
CA ILE A 184 14.09 9.52 11.55
C ILE A 184 14.80 10.07 12.79
N ARG A 185 14.17 11.03 13.49
CA ARG A 185 14.73 11.69 14.67
C ARG A 185 14.73 10.88 15.95
N TYR A 186 13.59 10.26 16.31
CA TYR A 186 13.43 9.61 17.61
C TYR A 186 13.23 8.11 17.59
N HIS A 187 13.10 7.48 16.41
CA HIS A 187 12.85 6.03 16.31
C HIS A 187 11.54 5.66 17.06
N ARG A 188 10.57 6.56 16.99
CA ARG A 188 9.24 6.45 17.60
C ARG A 188 8.22 7.08 16.67
N TYR A 189 7.04 6.46 16.58
CA TYR A 189 5.91 6.98 15.80
C TYR A 189 4.63 6.31 16.26
N HIS A 190 3.49 6.95 15.95
CA HIS A 190 2.15 6.43 16.21
C HIS A 190 1.61 6.03 14.86
N GLY A 191 0.89 4.92 14.80
CA GLY A 191 0.40 4.32 13.55
C GLY A 191 -0.31 5.21 12.55
N ARG A 192 -1.42 5.83 12.96
CA ARG A 192 -2.28 6.65 12.12
C ARG A 192 -1.59 7.88 11.58
N SER A 193 -0.89 8.64 12.42
CA SER A 193 -0.20 9.85 11.96
C SER A 193 1.01 9.53 11.06
N ALA A 194 1.67 8.36 11.29
CA ALA A 194 2.77 7.94 10.40
C ALA A 194 2.18 7.53 9.05
N ALA A 195 0.99 6.89 9.05
CA ALA A 195 0.30 6.50 7.81
C ALA A 195 -0.08 7.76 7.01
N VAL A 196 -0.54 8.83 7.68
CA VAL A 196 -0.90 10.10 7.01
C VAL A 196 0.34 10.74 6.37
N TRP A 197 1.50 10.70 7.05
CA TRP A 197 2.75 11.22 6.47
C TRP A 197 3.04 10.45 5.16
N SER A 198 3.02 9.11 5.18
CA SER A 198 3.30 8.32 3.99
C SER A 198 2.29 8.65 2.87
N LEU A 199 1.05 8.97 3.24
CA LEU A 199 0.02 9.35 2.29
C LEU A 199 0.34 10.69 1.63
N GLY A 200 0.95 11.61 2.38
CA GLY A 200 1.42 12.89 1.85
C GLY A 200 2.53 12.67 0.84
N ILE A 201 3.46 11.75 1.13
CA ILE A 201 4.56 11.39 0.22
C ILE A 201 3.97 10.82 -1.08
N LEU A 202 3.02 9.89 -0.93
CA LEU A 202 2.36 9.26 -2.06
C LEU A 202 1.60 10.26 -2.94
N LEU A 203 0.85 11.20 -2.34
CA LEU A 203 0.09 12.18 -3.11
C LEU A 203 1.03 13.09 -3.91
N TYR A 204 2.12 13.56 -3.26
CA TYR A 204 3.14 14.37 -3.93
C TYR A 204 3.69 13.57 -5.12
N ASP A 205 4.00 12.29 -4.89
CA ASP A 205 4.52 11.42 -5.93
C ASP A 205 3.57 11.32 -7.12
N MET A 206 2.26 11.20 -6.85
CA MET A 206 1.25 11.12 -7.91
C MET A 206 1.21 12.38 -8.75
N VAL A 207 1.18 13.55 -8.12
CA VAL A 207 1.04 14.82 -8.85
C VAL A 207 2.36 15.41 -9.36
N CYS A 208 3.51 14.94 -8.86
CA CYS A 208 4.81 15.47 -9.29
C CYS A 208 5.63 14.48 -10.09
N GLY A 209 5.28 13.20 -10.02
CA GLY A 209 6.00 12.17 -10.75
C GLY A 209 7.24 11.62 -10.05
N ASP A 210 7.54 12.13 -8.84
CA ASP A 210 8.67 11.69 -8.01
C ASP A 210 8.40 12.05 -6.56
N ILE A 211 9.09 11.40 -5.63
CA ILE A 211 8.94 11.64 -4.20
C ILE A 211 9.57 13.00 -3.79
N PRO A 212 9.08 13.69 -2.74
CA PRO A 212 9.65 15.01 -2.41
C PRO A 212 11.02 15.03 -1.74
N PHE A 213 11.31 14.01 -0.92
CA PHE A 213 12.54 13.97 -0.14
C PHE A 213 13.36 12.73 -0.44
N GLU A 214 14.69 12.89 -0.48
CA GLU A 214 15.61 11.77 -0.72
C GLU A 214 16.40 11.48 0.57
N HIS A 215 16.95 12.53 1.21
CA HIS A 215 17.79 12.42 2.41
C HIS A 215 17.03 12.66 3.71
N ASP A 216 17.56 12.09 4.81
CA ASP A 216 17.04 12.25 6.17
C ASP A 216 16.88 13.73 6.54
N GLU A 217 17.88 14.57 6.17
CA GLU A 217 17.88 16.03 6.42
C GLU A 217 16.67 16.71 5.80
N GLU A 218 16.30 16.29 4.58
CA GLU A 218 15.12 16.85 3.90
C GLU A 218 13.83 16.46 4.63
N ILE A 219 13.73 15.18 5.07
CA ILE A 219 12.55 14.68 5.80
C ILE A 219 12.33 15.51 7.07
N ILE A 220 13.42 15.71 7.83
CA ILE A 220 13.46 16.47 9.09
C ILE A 220 13.08 17.92 8.89
N ARG A 221 13.58 18.54 7.80
CA ARG A 221 13.26 19.94 7.49
C ARG A 221 11.79 20.05 7.06
N GLY A 222 11.31 19.05 6.33
CA GLY A 222 9.94 18.91 5.83
C GLY A 222 9.45 20.05 4.97
N GLN A 223 10.39 20.77 4.28
CA GLN A 223 10.06 21.89 3.38
C GLN A 223 9.67 21.27 2.04
N VAL A 224 8.42 21.49 1.61
CA VAL A 224 7.91 20.92 0.35
C VAL A 224 8.07 21.90 -0.81
N PHE A 225 8.88 21.51 -1.81
CA PHE A 225 9.07 22.28 -3.03
C PHE A 225 8.30 21.54 -4.15
N PHE A 226 7.51 22.28 -4.96
CA PHE A 226 6.76 21.70 -6.08
C PHE A 226 7.49 21.88 -7.37
N ARG A 227 7.89 20.77 -7.98
CA ARG A 227 8.65 20.73 -9.23
C ARG A 227 7.75 20.81 -10.47
N GLN A 228 6.46 20.49 -10.28
CA GLN A 228 5.43 20.52 -11.32
C GLN A 228 4.32 21.49 -10.94
N ARG A 229 3.49 21.86 -11.92
CA ARG A 229 2.33 22.71 -11.68
C ARG A 229 1.32 21.86 -10.92
N VAL A 230 0.99 22.26 -9.69
CA VAL A 230 0.04 21.59 -8.81
C VAL A 230 -0.88 22.67 -8.24
N SER A 231 -2.21 22.40 -8.22
CA SER A 231 -3.19 23.36 -7.72
C SER A 231 -2.91 23.71 -6.25
N SER A 232 -3.32 24.91 -5.84
CA SER A 232 -3.15 25.39 -4.47
C SER A 232 -3.82 24.47 -3.45
N GLU A 233 -5.00 23.93 -3.77
CA GLU A 233 -5.73 23.03 -2.89
C GLU A 233 -4.96 21.72 -2.69
N CYS A 234 -4.41 21.16 -3.78
CA CYS A 234 -3.63 19.93 -3.70
C CYS A 234 -2.34 20.18 -2.89
N GLN A 235 -1.64 21.30 -3.16
CA GLN A 235 -0.41 21.69 -2.44
C GLN A 235 -0.70 21.81 -0.94
N HIS A 236 -1.85 22.43 -0.58
CA HIS A 236 -2.28 22.60 0.81
C HIS A 236 -2.46 21.25 1.49
N LEU A 237 -3.18 20.32 0.83
CA LEU A 237 -3.42 19.00 1.39
C LEU A 237 -2.10 18.25 1.61
N ILE A 238 -1.19 18.30 0.62
CA ILE A 238 0.12 17.65 0.72
C ILE A 238 0.87 18.20 1.92
N ARG A 239 0.99 19.52 2.02
CA ARG A 239 1.69 20.19 3.11
C ARG A 239 1.08 19.89 4.48
N TRP A 240 -0.24 19.65 4.51
CA TRP A 240 -0.96 19.29 5.73
C TRP A 240 -0.59 17.86 6.18
N CYS A 241 -0.64 16.87 5.25
CA CYS A 241 -0.24 15.47 5.53
C CYS A 241 1.22 15.40 5.95
N LEU A 242 2.04 16.32 5.39
CA LEU A 242 3.47 16.38 5.67
C LEU A 242 3.84 17.36 6.78
N ALA A 243 2.91 17.64 7.71
CA ALA A 243 3.23 18.47 8.87
C ALA A 243 4.30 17.76 9.70
N LEU A 244 5.33 18.50 10.14
CA LEU A 244 6.42 17.95 10.95
C LEU A 244 5.91 17.35 12.26
N ARG A 245 5.01 18.06 12.97
CA ARG A 245 4.44 17.54 14.21
C ARG A 245 3.31 16.56 13.87
N PRO A 246 3.39 15.31 14.39
CA PRO A 246 2.33 14.33 14.09
C PRO A 246 0.91 14.81 14.41
N SER A 247 0.75 15.56 15.52
CA SER A 247 -0.53 16.11 15.94
C SER A 247 -1.06 17.23 15.01
N ASP A 248 -0.19 17.79 14.14
CA ASP A 248 -0.59 18.82 13.17
C ASP A 248 -1.11 18.21 11.85
N ARG A 249 -0.99 16.89 11.70
CA ARG A 249 -1.46 16.19 10.51
C ARG A 249 -2.97 16.00 10.51
N PRO A 250 -3.61 15.96 9.32
CA PRO A 250 -5.07 15.74 9.29
C PRO A 250 -5.41 14.30 9.65
N THR A 251 -6.64 14.07 10.14
CA THR A 251 -7.14 12.71 10.37
C THR A 251 -7.59 12.22 8.98
N PHE A 252 -7.95 10.93 8.81
CA PHE A 252 -8.47 10.46 7.51
C PHE A 252 -9.74 11.20 7.12
N GLU A 253 -10.59 11.50 8.10
CA GLU A 253 -11.83 12.25 7.89
C GLU A 253 -11.53 13.63 7.33
N GLU A 254 -10.53 14.32 7.91
CA GLU A 254 -10.13 15.65 7.46
C GLU A 254 -9.54 15.62 6.06
N ILE A 255 -8.77 14.57 5.73
CA ILE A 255 -8.24 14.42 4.37
C ILE A 255 -9.42 14.29 3.39
N GLN A 256 -10.34 13.37 3.64
CA GLN A 256 -11.47 13.11 2.75
C GLN A 256 -12.50 14.25 2.67
N ASN A 257 -12.53 15.15 3.67
CA ASN A 257 -13.40 16.32 3.63
C ASN A 257 -12.65 17.52 3.07
N HIS A 258 -11.37 17.35 2.68
CA HIS A 258 -10.59 18.47 2.15
C HIS A 258 -11.16 18.99 0.81
N PRO A 259 -11.18 20.31 0.53
CA PRO A 259 -11.71 20.79 -0.76
C PRO A 259 -11.11 20.14 -2.00
N TRP A 260 -9.82 19.71 -1.93
CA TRP A 260 -9.24 19.01 -3.08
C TRP A 260 -9.86 17.62 -3.31
N MET A 261 -10.42 17.01 -2.27
CA MET A 261 -10.97 15.66 -2.36
C MET A 261 -12.43 15.56 -2.84
N GLN A 262 -13.06 16.70 -3.09
CA GLN A 262 -14.47 16.71 -3.50
C GLN A 262 -14.65 16.33 -4.99
N ASP A 263 -15.83 15.76 -5.33
CA ASP A 263 -16.23 15.35 -6.67
C ASP A 263 -15.30 14.27 -7.27
N VAL A 264 -14.98 13.23 -6.48
CA VAL A 264 -14.13 12.13 -6.94
C VAL A 264 -14.87 11.34 -8.01
N LEU A 265 -14.14 10.85 -9.02
CA LEU A 265 -14.73 10.01 -10.04
C LEU A 265 -14.89 8.62 -9.44
N LEU A 266 -15.86 7.85 -9.95
CA LEU A 266 -16.06 6.46 -9.57
C LEU A 266 -14.91 5.68 -10.25
N PRO A 267 -14.46 4.50 -9.74
CA PRO A 267 -13.39 3.76 -10.43
C PRO A 267 -13.66 3.49 -11.91
N GLN A 268 -14.89 3.07 -12.29
CA GLN A 268 -15.20 2.78 -13.69
C GLN A 268 -15.05 4.02 -14.60
N GLU A 269 -15.50 5.20 -14.11
CA GLU A 269 -15.37 6.48 -14.82
C GLU A 269 -13.88 6.80 -15.02
N THR A 270 -13.07 6.54 -13.98
CA THR A 270 -11.61 6.73 -13.97
C THR A 270 -10.96 5.88 -15.07
N ALA A 271 -11.32 4.58 -15.18
CA ALA A 271 -10.78 3.71 -16.21
C ALA A 271 -11.20 4.19 -17.61
N GLU A 272 -12.47 4.60 -17.77
CA GLU A 272 -13.00 5.08 -19.06
C GLU A 272 -12.26 6.32 -19.58
N ILE A 273 -12.03 7.31 -18.71
CA ILE A 273 -11.38 8.57 -19.07
C ILE A 273 -9.84 8.47 -19.18
N HIS A 274 -9.19 7.80 -18.21
CA HIS A 274 -7.72 7.77 -18.08
C HIS A 274 -6.97 6.48 -18.38
N LEU A 275 -7.64 5.32 -18.34
CA LEU A 275 -6.93 4.05 -18.49
C LEU A 275 -7.22 3.30 -19.78
N HIS A 276 -8.47 3.36 -20.28
CA HIS A 276 -8.88 2.68 -21.51
C HIS A 276 -8.26 3.34 -22.73
C1 EDO B . 8.44 7.81 -9.02
O1 EDO B . 9.44 8.18 -9.95
C2 EDO B . 7.56 6.73 -9.67
O2 EDO B . 6.29 6.79 -9.06
C1 EDO C . -0.56 10.88 -17.02
O1 EDO C . -1.18 10.03 -17.97
C2 EDO C . -1.48 12.08 -16.72
O2 EDO C . -2.63 11.63 -16.02
C1 EDO D . -4.44 10.33 11.68
O1 EDO D . -5.34 9.85 12.67
C2 EDO D . -3.65 11.51 12.24
O2 EDO D . -2.93 12.14 11.21
C1 EDO E . 2.49 28.03 -3.80
O1 EDO E . 1.17 27.64 -3.46
C2 EDO E . 3.44 27.76 -2.59
O2 EDO E . 4.29 26.65 -2.86
C1 EDO F . 3.43 -23.70 -5.88
O1 EDO F . 2.89 -24.51 -6.90
C2 EDO F . 4.79 -23.12 -6.31
O2 EDO F . 4.58 -21.94 -7.04
C1 EDO G . -1.39 -4.68 20.15
O1 EDO G . -0.33 -4.65 19.19
C2 EDO G . -2.72 -5.10 19.47
O2 EDO G . -3.38 -3.97 18.94
C1 EDO H . 9.49 5.96 -5.20
O1 EDO H . 8.14 6.22 -5.42
C2 EDO H . 9.72 4.80 -4.18
O2 EDO H . 8.86 3.71 -4.51
C1 EDO I . 17.45 7.02 18.79
O1 EDO I . 17.21 5.62 18.56
C2 EDO I . 17.02 7.86 17.57
O2 EDO I . 17.96 7.76 16.51
C1 EDO J . -8.55 24.85 2.03
O1 EDO J . -8.43 23.73 2.90
C2 EDO J . -7.21 25.06 1.30
O2 EDO J . -7.29 25.79 0.10
C1 EDO K . -5.49 -2.61 -20.83
O1 EDO K . -4.25 -2.58 -20.14
C2 EDO K . -6.51 -1.72 -20.10
O2 EDO K . -7.82 -2.13 -20.46
C1 EDO L . -10.87 19.55 5.67
O1 EDO L . -11.49 19.09 6.87
C2 EDO L . -11.07 21.08 5.56
O2 EDO L . -9.91 21.74 5.04
C1 EDO M . -3.69 24.06 7.49
O1 EDO M . -2.39 23.54 7.76
C2 EDO M . -4.74 23.23 8.26
O2 EDO M . -6.02 23.48 7.71
C1 EDO N . -15.43 14.03 -15.67
O1 EDO N . -16.30 13.14 -16.35
C2 EDO N . -14.59 14.86 -16.68
O2 EDO N . -13.56 14.06 -17.25
C1 EDO O . -2.11 5.73 16.07
O1 EDO O . -2.52 4.40 15.81
C2 EDO O . -3.18 6.74 16.55
O2 EDO O . -2.56 8.03 16.51
C1 EDO P . -9.14 18.23 -12.55
O1 EDO P . -9.42 19.16 -11.50
C2 EDO P . -7.69 18.43 -13.07
O2 EDO P . -7.30 17.30 -13.83
C1 6SN Q . 2.42 -8.61 -7.20
C2 6SN Q . 1.30 -8.99 -7.92
C3 6SN Q . 0.16 -9.43 -7.25
C7 6SN Q . 0.09 -9.07 -2.85
C8 6SN Q . 0.60 -9.21 -1.57
CL1 6SN Q . 1.35 -8.91 -9.66
CL 6SN Q . -1.26 -9.90 -8.13
C4 6SN Q . 0.14 -9.48 -5.88
C5 6SN Q . 1.26 -9.11 -5.14
C 6SN Q . 2.40 -8.66 -5.82
C6 6SN Q . 1.19 -9.18 -3.68
N1 6SN Q . 2.27 -9.36 -2.88
N 6SN Q . 1.92 -9.38 -1.55
N2 6SN Q . -0.15 -9.17 -0.48
S SO4 R . -11.82 6.52 9.98
O1 SO4 R . -10.80 6.25 11.01
O2 SO4 R . -11.47 7.73 9.21
O3 SO4 R . -13.09 6.72 10.66
O4 SO4 R . -11.96 5.34 9.11
S SO4 S . -3.89 -24.45 5.11
O1 SO4 S . -2.63 -24.33 5.85
O2 SO4 S . -3.62 -24.95 3.76
O3 SO4 S . -4.78 -25.39 5.81
O4 SO4 S . -4.55 -23.16 4.99
#